data_6U6T
#
_entry.id   6U6T
#
_cell.length_a   73.569
_cell.length_b   97.218
_cell.length_c   252.424
_cell.angle_alpha   90.000
_cell.angle_beta   90.000
_cell.angle_gamma   90.000
#
_symmetry.space_group_name_H-M   'C 2 2 21'
#
loop_
_entity.id
_entity.type
_entity.pdbx_description
1 polymer 'Neuronal growth regulator 1'
2 branched beta-D-mannopyranose-(1-4)-2-acetamido-2-deoxy-beta-D-glucopyranose-(1-4)-2-acetamido-2-deoxy-beta-D-glucopyranose
3 branched alpha-L-fucopyranose-(1-6)-2-acetamido-2-deoxy-beta-D-glucopyranose
4 non-polymer 'CALCIUM ION'
5 non-polymer 2-acetamido-2-deoxy-beta-D-glucopyranose
#
_entity_poly.entity_id   1
_entity_poly.type   'polypeptide(L)'
_entity_poly.pdbx_seq_one_letter_code
;ELGTGVDFPWAAVDNMMVRKGDTAVLRCYLEDGASKGAWLNRSSIIFAGGDKWSVDPRVSISTLNKRDYSLQIQNVDVTD
DGPYTCSVQTQHTPRTMQVHLTVQVPPKIYDISNDMTVNEGTNVTLTCLATGKPEPSISWRHISPSAKPFENGQYLDIYG
ITRDQAGEYECSAENDVSFPDVRKVKVVVNFAPTIQEIKSGTVTPGRSGLIRCEGAGVPPPAFEWYKGEKKLFNGQQGII
IQNFSTRSILTVTNVTQEHFGNYTCVAANKLGTTNASLPLNASTSHHHHHH
;
_entity_poly.pdbx_strand_id   A,B
#
loop_
_chem_comp.id
_chem_comp.type
_chem_comp.name
_chem_comp.formula
BMA D-saccharide, beta linking beta-D-mannopyranose 'C6 H12 O6'
CA non-polymer 'CALCIUM ION' 'Ca 2'
FUC L-saccharide, alpha linking alpha-L-fucopyranose 'C6 H12 O5'
NAG D-saccharide, beta linking 2-acetamido-2-deoxy-beta-D-glucopyranose 'C8 H15 N O6'
#
# COMPACT_ATOMS: atom_id res chain seq x y z
N ASP A 14 -37.34 -42.88 -4.62
CA ASP A 14 -37.71 -41.52 -4.25
C ASP A 14 -36.83 -41.01 -3.11
N ASN A 15 -36.46 -39.74 -3.17
CA ASN A 15 -35.58 -39.14 -2.18
C ASN A 15 -36.03 -37.71 -1.92
N MET A 16 -35.61 -37.19 -0.76
CA MET A 16 -35.94 -35.84 -0.35
C MET A 16 -34.89 -35.34 0.62
N MET A 17 -34.49 -34.09 0.46
CA MET A 17 -33.50 -33.46 1.34
C MET A 17 -34.12 -32.23 1.97
N VAL A 18 -34.00 -32.14 3.30
CA VAL A 18 -34.63 -31.09 4.10
C VAL A 18 -33.65 -30.74 5.21
N ARG A 19 -33.07 -29.54 5.15
CA ARG A 19 -32.04 -29.18 6.11
C ARG A 19 -32.64 -28.95 7.50
N LYS A 20 -31.80 -29.13 8.51
CA LYS A 20 -32.26 -29.17 9.89
C LYS A 20 -33.06 -27.93 10.26
N GLY A 21 -34.19 -28.14 10.92
CA GLY A 21 -35.07 -27.08 11.37
C GLY A 21 -36.28 -26.87 10.48
N ASP A 22 -36.14 -27.12 9.19
CA ASP A 22 -37.25 -26.92 8.27
C ASP A 22 -38.40 -27.87 8.60
N THR A 23 -39.53 -27.63 7.94
CA THR A 23 -40.71 -28.49 8.07
C THR A 23 -40.79 -29.36 6.82
N ALA A 24 -40.73 -30.68 7.00
CA ALA A 24 -40.77 -31.61 5.89
C ALA A 24 -42.20 -32.07 5.63
N VAL A 25 -42.55 -32.18 4.36
CA VAL A 25 -43.87 -32.63 3.94
C VAL A 25 -43.65 -33.80 2.99
N LEU A 26 -43.74 -35.02 3.52
CA LEU A 26 -43.59 -36.21 2.69
C LEU A 26 -44.93 -36.49 2.01
N ARG A 27 -44.92 -36.56 0.69
CA ARG A 27 -46.15 -36.61 -0.08
C ARG A 27 -46.65 -38.04 -0.24
N CYS A 28 -47.96 -38.20 -0.11
CA CYS A 28 -48.62 -39.49 -0.35
C CYS A 28 -50.08 -39.22 -0.64
N TYR A 29 -50.52 -39.55 -1.84
CA TYR A 29 -51.87 -39.28 -2.29
C TYR A 29 -52.68 -40.57 -2.31
N LEU A 30 -53.96 -40.45 -1.95
CA LEU A 30 -54.84 -41.60 -1.83
C LEU A 30 -55.62 -41.83 -3.12
N GLU A 31 -56.10 -43.06 -3.27
CA GLU A 31 -56.92 -43.42 -4.42
C GLU A 31 -58.38 -43.09 -4.14
N ASP A 32 -59.13 -42.87 -5.21
CA ASP A 32 -60.53 -42.51 -5.06
C ASP A 32 -61.29 -43.56 -4.25
N GLY A 33 -62.48 -43.19 -3.82
CA GLY A 33 -63.26 -44.07 -2.97
C GLY A 33 -62.78 -44.05 -1.54
N ALA A 34 -63.20 -45.06 -0.78
CA ALA A 34 -62.83 -45.20 0.63
C ALA A 34 -61.49 -45.93 0.71
N SER A 35 -60.43 -45.16 0.51
CA SER A 35 -59.06 -45.67 0.55
C SER A 35 -58.27 -44.89 1.60
N LYS A 36 -57.85 -45.58 2.64
CA LYS A 36 -57.07 -44.99 3.72
C LYS A 36 -55.59 -45.24 3.49
N GLY A 37 -54.76 -44.43 4.16
CA GLY A 37 -53.33 -44.54 4.09
C GLY A 37 -52.72 -44.76 5.47
N ALA A 38 -51.43 -45.11 5.46
CA ALA A 38 -50.70 -45.33 6.71
C ALA A 38 -49.23 -45.06 6.46
N TRP A 39 -48.60 -44.36 7.40
CA TRP A 39 -47.20 -43.97 7.30
C TRP A 39 -46.35 -44.82 8.24
N LEU A 40 -45.16 -45.18 7.78
CA LEU A 40 -44.21 -45.96 8.57
C LEU A 40 -42.90 -45.21 8.69
N ASN A 41 -42.19 -45.47 9.79
CA ASN A 41 -40.86 -44.94 10.05
C ASN A 41 -39.91 -46.12 10.05
N ARG A 42 -39.22 -46.33 8.94
CA ARG A 42 -38.46 -47.56 8.74
C ARG A 42 -39.43 -48.74 8.81
N SER A 43 -39.70 -49.24 10.02
CA SER A 43 -40.73 -50.27 10.18
C SER A 43 -41.62 -49.99 11.39
N SER A 44 -41.67 -48.74 11.86
CA SER A 44 -42.52 -48.34 12.96
C SER A 44 -43.68 -47.50 12.44
N ILE A 45 -44.89 -47.80 12.90
CA ILE A 45 -46.10 -47.13 12.42
C ILE A 45 -46.20 -45.76 13.08
N ILE A 46 -46.43 -44.74 12.27
CA ILE A 46 -46.68 -43.38 12.75
C ILE A 46 -48.16 -43.04 12.71
N PHE A 47 -48.78 -43.22 11.54
CA PHE A 47 -50.19 -42.93 11.34
C PHE A 47 -50.85 -44.07 10.59
N ALA A 48 -52.14 -44.23 10.82
CA ALA A 48 -52.97 -45.16 10.04
C ALA A 48 -54.35 -44.54 9.98
N GLY A 49 -54.70 -43.97 8.83
CA GLY A 49 -55.92 -43.20 8.74
C GLY A 49 -55.79 -41.95 9.58
N GLY A 50 -56.83 -41.66 10.37
CA GLY A 50 -56.82 -40.51 11.26
C GLY A 50 -56.24 -40.78 12.62
N ASP A 51 -55.77 -42.00 12.89
CA ASP A 51 -55.26 -42.38 14.19
C ASP A 51 -53.75 -42.30 14.21
N LYS A 52 -53.21 -41.73 15.29
CA LYS A 52 -51.77 -41.52 15.43
C LYS A 52 -51.19 -42.54 16.39
N TRP A 53 -50.12 -43.20 15.97
CA TRP A 53 -49.36 -44.10 16.84
C TRP A 53 -48.15 -43.41 17.46
N SER A 54 -47.56 -42.44 16.78
CA SER A 54 -46.41 -41.74 17.31
C SER A 54 -46.83 -40.80 18.43
N VAL A 55 -45.92 -40.60 19.38
CA VAL A 55 -46.11 -39.59 20.43
C VAL A 55 -45.44 -38.27 20.09
N ASP A 56 -44.64 -38.22 19.02
CA ASP A 56 -43.93 -37.02 18.61
C ASP A 56 -44.94 -35.94 18.22
N PRO A 57 -45.03 -34.83 18.96
CA PRO A 57 -45.98 -33.78 18.60
C PRO A 57 -45.60 -33.04 17.32
N ARG A 58 -44.38 -33.23 16.82
CA ARG A 58 -43.99 -32.62 15.55
C ARG A 58 -44.69 -33.26 14.37
N VAL A 59 -45.14 -34.51 14.53
CA VAL A 59 -45.64 -35.31 13.42
C VAL A 59 -47.14 -35.17 13.33
N SER A 60 -47.64 -34.80 12.15
CA SER A 60 -49.06 -34.62 11.93
C SER A 60 -49.35 -34.95 10.47
N ILE A 61 -50.64 -34.96 10.13
CA ILE A 61 -51.10 -35.22 8.76
C ILE A 61 -51.53 -33.90 8.15
N SER A 62 -50.85 -33.48 7.10
CA SER A 62 -51.21 -32.26 6.36
C SER A 62 -52.17 -32.64 5.24
N THR A 63 -53.38 -32.08 5.29
CA THR A 63 -54.45 -32.45 4.36
C THR A 63 -55.00 -31.19 3.71
N LEU A 64 -54.70 -31.02 2.42
CA LEU A 64 -55.35 -29.98 1.63
C LEU A 64 -56.76 -30.44 1.21
N ASN A 65 -56.80 -31.35 0.23
CA ASN A 65 -58.05 -31.96 -0.19
C ASN A 65 -58.16 -33.37 0.44
N LYS A 66 -59.26 -34.05 0.12
CA LYS A 66 -59.53 -35.33 0.76
C LYS A 66 -58.53 -36.41 0.38
N ARG A 67 -57.93 -36.30 -0.80
CA ARG A 67 -57.00 -37.31 -1.30
C ARG A 67 -55.57 -37.10 -0.82
N ASP A 68 -55.33 -36.12 0.03
CA ASP A 68 -53.99 -35.76 0.48
C ASP A 68 -53.72 -36.41 1.82
N TYR A 69 -52.80 -37.38 1.84
CA TYR A 69 -52.40 -38.04 3.07
C TYR A 69 -50.90 -37.85 3.29
N SER A 70 -50.43 -36.62 3.19
CA SER A 70 -49.02 -36.33 3.33
C SER A 70 -48.63 -36.23 4.80
N LEU A 71 -47.39 -36.58 5.09
CA LEU A 71 -46.84 -36.53 6.44
C LEU A 71 -46.10 -35.22 6.64
N GLN A 72 -46.44 -34.51 7.71
CA GLN A 72 -45.85 -33.21 8.02
C GLN A 72 -45.00 -33.35 9.26
N ILE A 73 -43.69 -33.31 9.10
CA ILE A 73 -42.74 -33.38 10.21
C ILE A 73 -42.20 -31.97 10.44
N GLN A 74 -42.43 -31.44 11.64
CA GLN A 74 -41.94 -30.12 12.00
C GLN A 74 -40.59 -30.23 12.67
N ASN A 75 -39.76 -29.20 12.48
CA ASN A 75 -38.45 -29.12 13.12
C ASN A 75 -37.67 -30.42 12.97
N VAL A 76 -37.40 -30.78 11.71
CA VAL A 76 -36.73 -32.05 11.44
C VAL A 76 -35.34 -32.03 12.05
N ASP A 77 -34.85 -33.23 12.37
CA ASP A 77 -33.52 -33.41 12.94
C ASP A 77 -32.86 -34.60 12.24
N VAL A 78 -31.55 -34.71 12.43
CA VAL A 78 -30.81 -35.80 11.81
C VAL A 78 -31.31 -37.16 12.28
N THR A 79 -31.94 -37.22 13.46
CA THR A 79 -32.52 -38.48 13.93
C THR A 79 -33.69 -38.92 13.07
N ASP A 80 -34.27 -38.02 12.28
CA ASP A 80 -35.36 -38.37 11.39
C ASP A 80 -34.87 -38.96 10.08
N ASP A 81 -33.57 -38.96 9.83
CA ASP A 81 -33.04 -39.56 8.62
C ASP A 81 -33.49 -41.00 8.50
N GLY A 82 -33.71 -41.44 7.27
CA GLY A 82 -34.09 -42.81 7.00
C GLY A 82 -35.29 -42.91 6.07
N PRO A 83 -35.73 -44.14 5.81
CA PRO A 83 -36.83 -44.35 4.88
C PRO A 83 -38.19 -44.24 5.54
N TYR A 84 -39.11 -43.52 4.89
CA TYR A 84 -40.49 -43.44 5.30
C TYR A 84 -41.35 -44.05 4.20
N THR A 85 -42.31 -44.89 4.60
CA THR A 85 -43.13 -45.63 3.66
C THR A 85 -44.60 -45.33 3.91
N CYS A 86 -45.32 -45.02 2.84
CA CYS A 86 -46.77 -44.77 2.90
C CYS A 86 -47.48 -45.89 2.16
N SER A 87 -48.24 -46.70 2.89
CA SER A 87 -48.99 -47.81 2.32
C SER A 87 -50.45 -47.41 2.20
N VAL A 88 -50.97 -47.43 0.98
CA VAL A 88 -52.35 -47.06 0.68
C VAL A 88 -53.09 -48.32 0.24
N GLN A 89 -54.18 -48.64 0.92
CA GLN A 89 -54.97 -49.80 0.54
C GLN A 89 -55.57 -49.60 -0.85
N THR A 90 -55.88 -50.73 -1.50
CA THR A 90 -56.40 -50.72 -2.86
C THR A 90 -57.07 -52.06 -3.12
N GLN A 91 -57.65 -52.20 -4.31
CA GLN A 91 -58.38 -53.42 -4.65
C GLN A 91 -57.47 -54.64 -4.60
N HIS A 92 -56.21 -54.48 -5.01
CA HIS A 92 -55.20 -55.53 -4.99
C HIS A 92 -54.12 -55.17 -3.97
N THR A 93 -52.89 -55.59 -4.22
CA THR A 93 -51.81 -55.35 -3.28
C THR A 93 -51.69 -53.85 -3.02
N PRO A 94 -51.54 -53.42 -1.75
CA PRO A 94 -51.43 -51.98 -1.48
C PRO A 94 -50.32 -51.33 -2.30
N ARG A 95 -50.53 -50.05 -2.58
CA ARG A 95 -49.54 -49.23 -3.28
C ARG A 95 -48.67 -48.51 -2.26
N THR A 96 -47.36 -48.56 -2.45
CA THR A 96 -46.40 -47.95 -1.55
C THR A 96 -45.70 -46.78 -2.22
N MET A 97 -45.30 -45.80 -1.41
CA MET A 97 -44.59 -44.61 -1.88
C MET A 97 -43.45 -44.33 -0.91
N GLN A 98 -42.45 -45.20 -0.91
CA GLN A 98 -41.33 -45.05 0.01
C GLN A 98 -40.52 -43.82 -0.33
N VAL A 99 -40.17 -43.04 0.70
CA VAL A 99 -39.40 -41.82 0.54
C VAL A 99 -38.26 -41.84 1.54
N HIS A 100 -37.04 -41.64 1.06
N HIS A 100 -37.03 -41.65 1.05
CA HIS A 100 -35.85 -41.61 1.90
CA HIS A 100 -35.85 -41.61 1.92
C HIS A 100 -35.60 -40.17 2.32
C HIS A 100 -35.60 -40.16 2.33
N LEU A 101 -35.76 -39.88 3.61
CA LEU A 101 -35.55 -38.54 4.14
C LEU A 101 -34.07 -38.36 4.51
N THR A 102 -33.48 -37.30 4.00
CA THR A 102 -32.07 -36.96 4.28
C THR A 102 -32.04 -35.54 4.83
N VAL A 103 -31.64 -35.42 6.10
CA VAL A 103 -31.60 -34.14 6.79
C VAL A 103 -30.17 -33.59 6.72
N GLN A 104 -30.03 -32.38 6.20
CA GLN A 104 -28.74 -31.75 6.00
C GLN A 104 -28.53 -30.64 7.03
N VAL A 105 -27.27 -30.39 7.36
CA VAL A 105 -26.91 -29.43 8.41
C VAL A 105 -25.93 -28.41 7.83
N PRO A 106 -26.20 -27.11 7.95
CA PRO A 106 -25.21 -26.13 7.50
C PRO A 106 -23.93 -26.25 8.30
N PRO A 107 -22.81 -25.85 7.73
CA PRO A 107 -21.53 -26.00 8.44
C PRO A 107 -21.38 -24.99 9.57
N LYS A 108 -20.55 -25.36 10.54
CA LYS A 108 -20.32 -24.50 11.70
C LYS A 108 -18.91 -24.76 12.22
N ILE A 109 -18.07 -23.72 12.16
CA ILE A 109 -16.73 -23.79 12.74
C ILE A 109 -16.85 -23.78 14.26
N TYR A 110 -16.19 -24.75 14.91
CA TYR A 110 -16.22 -24.86 16.35
C TYR A 110 -14.86 -24.68 17.02
N ASP A 111 -13.78 -24.63 16.25
CA ASP A 111 -12.46 -24.30 16.79
C ASP A 111 -11.62 -23.72 15.67
N ILE A 112 -10.99 -22.58 15.94
CA ILE A 112 -10.13 -21.91 14.96
C ILE A 112 -8.98 -21.27 15.71
N SER A 113 -7.79 -21.33 15.13
CA SER A 113 -6.62 -20.72 15.73
C SER A 113 -6.89 -19.28 16.13
N ASN A 114 -6.52 -18.93 17.36
CA ASN A 114 -6.69 -17.58 17.84
C ASN A 114 -5.63 -16.66 17.24
N ASP A 115 -5.92 -15.36 17.23
CA ASP A 115 -4.94 -14.39 16.76
C ASP A 115 -3.61 -14.64 17.46
N MET A 116 -2.52 -14.54 16.71
CA MET A 116 -1.21 -14.90 17.21
C MET A 116 -0.18 -13.89 16.75
N THR A 117 0.98 -13.94 17.41
CA THR A 117 2.15 -13.15 17.04
C THR A 117 3.36 -14.06 17.05
N VAL A 118 4.04 -14.15 15.91
CA VAL A 118 5.18 -15.04 15.75
C VAL A 118 6.34 -14.25 15.17
N ASN A 119 7.55 -14.81 15.32
CA ASN A 119 8.75 -14.23 14.75
C ASN A 119 8.92 -14.70 13.31
N GLU A 120 9.67 -13.93 12.54
CA GLU A 120 9.92 -14.26 11.15
C GLU A 120 10.77 -15.53 11.08
N GLY A 121 10.37 -16.47 10.23
CA GLY A 121 11.11 -17.70 10.03
C GLY A 121 10.58 -18.88 10.81
N THR A 122 9.65 -18.68 11.73
CA THR A 122 9.13 -19.78 12.53
C THR A 122 8.12 -20.60 11.71
N ASN A 123 7.90 -21.83 12.16
CA ASN A 123 6.93 -22.73 11.55
C ASN A 123 5.59 -22.55 12.23
N VAL A 124 4.57 -22.18 11.46
CA VAL A 124 3.24 -21.92 11.97
C VAL A 124 2.27 -22.92 11.35
N THR A 125 1.28 -23.33 12.14
CA THR A 125 0.19 -24.17 11.67
C THR A 125 -1.11 -23.59 12.17
N LEU A 126 -1.98 -23.19 11.25
CA LEU A 126 -3.31 -22.70 11.59
C LEU A 126 -4.31 -23.85 11.52
N THR A 127 -5.27 -23.85 12.43
CA THR A 127 -6.25 -24.92 12.54
C THR A 127 -7.67 -24.37 12.41
N CYS A 128 -8.52 -25.13 11.73
CA CYS A 128 -9.93 -24.79 11.59
C CYS A 128 -10.72 -26.08 11.48
N LEU A 129 -11.68 -26.26 12.39
CA LEU A 129 -12.48 -27.47 12.45
C LEU A 129 -13.95 -27.11 12.41
N ALA A 130 -14.72 -27.84 11.62
CA ALA A 130 -16.13 -27.54 11.42
C ALA A 130 -16.93 -28.82 11.28
N THR A 131 -18.18 -28.75 11.73
CA THR A 131 -19.14 -29.82 11.55
C THR A 131 -20.09 -29.46 10.40
N GLY A 132 -20.99 -30.37 10.11
CA GLY A 132 -21.96 -30.16 9.04
C GLY A 132 -22.29 -31.47 8.36
N LYS A 133 -23.49 -31.52 7.78
CA LYS A 133 -24.01 -32.73 7.14
C LYS A 133 -24.48 -32.35 5.74
N PRO A 134 -23.78 -32.79 4.67
CA PRO A 134 -22.56 -33.60 4.66
C PRO A 134 -21.37 -32.89 5.27
N GLU A 135 -20.31 -33.65 5.60
CA GLU A 135 -19.14 -33.05 6.21
C GLU A 135 -18.61 -31.94 5.31
N PRO A 136 -18.26 -30.79 5.87
CA PRO A 136 -17.91 -29.64 5.02
C PRO A 136 -16.47 -29.66 4.56
N SER A 137 -16.24 -28.99 3.43
CA SER A 137 -14.89 -28.74 2.93
C SER A 137 -14.39 -27.43 3.51
N ILE A 138 -13.17 -27.45 4.05
CA ILE A 138 -12.60 -26.33 4.76
C ILE A 138 -11.52 -25.70 3.87
N SER A 139 -11.71 -24.43 3.51
CA SER A 139 -10.79 -23.71 2.65
C SER A 139 -10.07 -22.63 3.45
N TRP A 140 -8.77 -22.54 3.29
CA TRP A 140 -7.96 -21.49 3.89
C TRP A 140 -7.59 -20.46 2.82
N ARG A 141 -7.62 -19.19 3.21
CA ARG A 141 -7.37 -18.11 2.26
C ARG A 141 -6.69 -16.96 2.98
N HIS A 142 -5.63 -16.43 2.37
CA HIS A 142 -4.93 -15.26 2.87
C HIS A 142 -5.48 -14.03 2.16
N ILE A 143 -6.10 -13.12 2.93
CA ILE A 143 -6.67 -11.91 2.35
C ILE A 143 -5.56 -10.90 2.17
N SER A 144 -4.92 -10.92 1.00
CA SER A 144 -3.81 -10.06 0.70
C SER A 144 -3.74 -9.83 -0.79
N PRO A 145 -3.36 -8.64 -1.25
CA PRO A 145 -3.22 -8.42 -2.70
C PRO A 145 -2.32 -9.43 -3.36
N SER A 146 -1.21 -9.78 -2.71
CA SER A 146 -0.22 -10.72 -3.25
C SER A 146 -0.23 -11.96 -2.36
N ALA A 147 -0.99 -12.98 -2.79
CA ALA A 147 -1.08 -14.23 -2.05
C ALA A 147 -1.58 -15.32 -2.98
N LYS A 148 -1.20 -16.55 -2.69
CA LYS A 148 -1.60 -17.71 -3.47
C LYS A 148 -2.50 -18.61 -2.64
N PRO A 149 -3.68 -19.02 -3.16
CA PRO A 149 -4.57 -19.86 -2.35
C PRO A 149 -3.89 -21.13 -1.84
N PHE A 150 -4.51 -21.78 -0.87
CA PHE A 150 -3.96 -22.98 -0.25
C PHE A 150 -4.94 -24.14 -0.38
N GLU A 151 -4.39 -25.34 -0.52
CA GLU A 151 -5.22 -26.54 -0.63
C GLU A 151 -6.21 -26.59 0.54
N ASN A 152 -7.39 -27.13 0.26
CA ASN A 152 -8.37 -27.32 1.31
C ASN A 152 -7.80 -28.22 2.40
N GLY A 153 -8.37 -28.11 3.58
CA GLY A 153 -7.93 -28.89 4.72
C GLY A 153 -8.15 -28.13 6.01
N GLN A 154 -8.32 -28.87 7.10
CA GLN A 154 -8.48 -28.25 8.40
C GLN A 154 -7.26 -27.45 8.81
N TYR A 155 -6.07 -27.88 8.37
CA TYR A 155 -4.81 -27.32 8.84
C TYR A 155 -4.11 -26.60 7.71
N LEU A 156 -3.59 -25.41 8.00
CA LEU A 156 -2.78 -24.62 7.07
C LEU A 156 -1.38 -24.54 7.65
N ASP A 157 -0.44 -25.26 7.03
CA ASP A 157 0.94 -25.26 7.47
C ASP A 157 1.70 -24.15 6.75
N ILE A 158 2.45 -23.36 7.51
CA ILE A 158 3.23 -22.24 6.98
C ILE A 158 4.65 -22.40 7.52
N TYR A 159 5.53 -23.02 6.75
CA TYR A 159 6.91 -23.19 7.15
C TYR A 159 7.70 -21.95 6.75
N GLY A 160 8.58 -21.50 7.65
CA GLY A 160 9.36 -20.31 7.43
C GLY A 160 8.53 -19.10 7.07
N ILE A 161 7.68 -18.65 8.00
CA ILE A 161 6.77 -17.55 7.71
C ILE A 161 7.56 -16.26 7.55
N THR A 162 7.26 -15.52 6.49
CA THR A 162 7.93 -14.26 6.18
C THR A 162 7.05 -13.09 6.60
N ARG A 163 7.68 -11.91 6.70
CA ARG A 163 6.94 -10.70 7.06
C ARG A 163 5.82 -10.43 6.08
N ASP A 164 5.97 -10.88 4.83
CA ASP A 164 4.95 -10.66 3.81
C ASP A 164 3.75 -11.58 3.97
N GLN A 165 3.86 -12.63 4.79
CA GLN A 165 2.78 -13.58 5.00
C GLN A 165 1.92 -13.23 6.20
N ALA A 166 2.13 -12.07 6.81
CA ALA A 166 1.29 -11.63 7.91
C ALA A 166 -0.04 -11.09 7.38
N GLY A 167 -0.96 -10.81 8.30
CA GLY A 167 -2.23 -10.21 7.93
C GLY A 167 -3.46 -11.01 8.32
N GLU A 168 -4.37 -11.17 7.37
CA GLU A 168 -5.71 -11.71 7.61
C GLU A 168 -5.85 -13.06 6.92
N TYR A 169 -6.11 -14.10 7.71
CA TYR A 169 -6.35 -15.44 7.18
C TYR A 169 -7.81 -15.82 7.43
N GLU A 170 -8.45 -16.34 6.40
CA GLU A 170 -9.87 -16.66 6.41
C GLU A 170 -10.06 -18.16 6.28
N CYS A 171 -10.79 -18.75 7.22
CA CYS A 171 -11.25 -20.12 7.11
C CYS A 171 -12.71 -20.10 6.66
N SER A 172 -12.99 -20.83 5.58
CA SER A 172 -14.34 -20.93 5.04
C SER A 172 -14.71 -22.41 4.95
N ALA A 173 -15.77 -22.80 5.64
CA ALA A 173 -16.25 -24.16 5.66
C ALA A 173 -17.62 -24.21 4.99
N GLU A 174 -17.69 -24.87 3.84
CA GLU A 174 -18.92 -24.95 3.06
C GLU A 174 -19.25 -26.40 2.75
N ASN A 175 -20.56 -26.67 2.63
CA ASN A 175 -21.02 -27.98 2.18
C ASN A 175 -22.21 -27.85 1.23
N ASP A 176 -22.42 -26.68 0.64
CA ASP A 176 -23.51 -26.38 -0.29
C ASP A 176 -24.88 -26.40 0.39
N VAL A 177 -24.92 -26.40 1.71
CA VAL A 177 -26.18 -26.35 2.47
C VAL A 177 -26.24 -24.98 3.14
N SER A 178 -27.28 -24.21 2.81
CA SER A 178 -27.44 -22.87 3.37
C SER A 178 -26.19 -22.06 3.00
N PHE A 179 -25.76 -21.16 3.87
CA PHE A 179 -24.59 -20.35 3.59
C PHE A 179 -23.38 -20.87 4.38
N PRO A 180 -22.17 -20.69 3.85
CA PRO A 180 -21.00 -21.25 4.52
C PRO A 180 -20.57 -20.41 5.73
N ASP A 181 -20.01 -21.10 6.71
CA ASP A 181 -19.46 -20.43 7.88
C ASP A 181 -18.07 -19.91 7.56
N VAL A 182 -17.79 -18.70 8.01
CA VAL A 182 -16.53 -18.03 7.70
C VAL A 182 -16.00 -17.38 8.97
N ARG A 183 -14.81 -17.77 9.39
CA ARG A 183 -14.11 -17.17 10.52
C ARG A 183 -12.72 -16.74 10.07
N LYS A 184 -12.11 -15.86 10.85
CA LYS A 184 -10.85 -15.25 10.47
C LYS A 184 -9.84 -15.34 11.61
N VAL A 185 -8.57 -15.19 11.25
CA VAL A 185 -7.44 -15.28 12.18
C VAL A 185 -6.45 -14.18 11.85
N LYS A 186 -5.97 -13.48 12.87
CA LYS A 186 -4.99 -12.40 12.69
C LYS A 186 -3.61 -12.94 13.02
N VAL A 187 -2.71 -12.92 12.03
CA VAL A 187 -1.34 -13.38 12.20
C VAL A 187 -0.42 -12.17 12.09
N VAL A 188 0.33 -11.91 13.15
CA VAL A 188 1.33 -10.84 13.19
C VAL A 188 2.71 -11.48 13.15
N VAL A 189 3.54 -11.06 12.21
CA VAL A 189 4.87 -11.61 12.02
C VAL A 189 5.88 -10.54 12.41
N ASN A 190 6.63 -10.82 13.48
CA ASN A 190 7.69 -9.91 13.92
C ASN A 190 8.95 -10.14 13.11
N PHE A 191 9.70 -9.06 12.88
CA PHE A 191 10.96 -9.13 12.16
C PHE A 191 11.84 -7.95 12.58
N ALA A 192 13.15 -8.13 12.43
CA ALA A 192 14.09 -7.07 12.76
C ALA A 192 13.89 -5.88 11.83
N PRO A 193 14.15 -4.67 12.32
CA PRO A 193 13.82 -3.47 11.54
C PRO A 193 14.71 -3.29 10.32
N THR A 194 14.17 -2.59 9.33
CA THR A 194 14.85 -2.32 8.07
C THR A 194 14.65 -0.86 7.72
N ILE A 195 15.75 -0.16 7.45
CA ILE A 195 15.71 1.25 7.06
C ILE A 195 15.60 1.32 5.54
N GLN A 196 14.40 1.65 5.05
CA GLN A 196 14.17 1.65 3.60
C GLN A 196 14.75 2.87 2.90
N GLU A 197 14.80 4.01 3.57
CA GLU A 197 15.24 5.23 2.92
C GLU A 197 15.77 6.23 3.94
N ILE A 198 16.73 7.04 3.51
CA ILE A 198 17.22 8.17 4.29
C ILE A 198 17.63 9.27 3.31
N LYS A 199 16.96 10.42 3.39
CA LYS A 199 17.14 11.47 2.39
C LYS A 199 17.18 12.82 3.06
N SER A 200 18.15 13.65 2.67
CA SER A 200 18.28 15.02 3.13
C SER A 200 17.85 15.97 2.02
N GLY A 201 17.46 17.17 2.43
CA GLY A 201 17.03 18.21 1.52
C GLY A 201 18.16 19.16 1.17
N THR A 202 17.81 20.44 1.03
CA THR A 202 18.80 21.46 0.70
C THR A 202 19.63 21.79 1.93
N VAL A 203 20.94 21.84 1.75
CA VAL A 203 21.88 22.22 2.80
C VAL A 203 22.31 23.65 2.52
N THR A 204 21.86 24.59 3.34
CA THR A 204 22.12 26.00 3.09
C THR A 204 22.06 26.80 4.40
N PRO A 205 23.16 27.42 4.83
CA PRO A 205 23.08 28.30 6.01
C PRO A 205 22.04 29.38 5.80
N GLY A 206 21.34 29.71 6.88
CA GLY A 206 20.21 30.63 6.82
C GLY A 206 18.89 29.96 6.51
N ARG A 207 18.86 28.63 6.37
CA ARG A 207 17.65 27.87 6.14
C ARG A 207 17.64 26.68 7.09
N SER A 208 16.51 25.99 7.12
CA SER A 208 16.39 24.77 7.92
C SER A 208 16.93 23.58 7.15
N GLY A 209 17.50 22.63 7.88
CA GLY A 209 17.95 21.37 7.33
C GLY A 209 17.10 20.23 7.86
N LEU A 210 16.86 19.24 7.00
CA LEU A 210 16.01 18.11 7.35
C LEU A 210 16.63 16.81 6.87
N ILE A 211 16.48 15.75 7.67
CA ILE A 211 16.89 14.41 7.29
C ILE A 211 15.76 13.48 7.70
N ARG A 212 15.10 12.85 6.72
CA ARG A 212 14.07 11.86 6.98
C ARG A 212 14.69 10.47 7.01
N CYS A 213 14.14 9.61 7.87
CA CYS A 213 14.61 8.22 8.01
C CYS A 213 13.39 7.31 8.08
N GLU A 214 13.00 6.77 6.92
CA GLU A 214 11.90 5.83 6.86
C GLU A 214 12.38 4.43 7.20
N GLY A 215 11.62 3.73 8.03
CA GLY A 215 12.00 2.40 8.47
C GLY A 215 10.79 1.55 8.77
N ALA A 216 10.93 0.25 8.60
CA ALA A 216 9.90 -0.71 8.93
C ALA A 216 10.40 -1.66 10.01
N GLY A 217 9.46 -2.31 10.68
CA GLY A 217 9.79 -3.22 11.76
C GLY A 217 8.58 -3.58 12.58
N VAL A 218 8.49 -4.84 12.98
CA VAL A 218 7.39 -5.33 13.81
C VAL A 218 8.01 -6.11 14.98
N PRO A 219 7.90 -5.63 16.23
CA PRO A 219 7.24 -4.39 16.67
C PRO A 219 7.85 -3.14 16.04
N PRO A 220 7.15 -2.01 16.09
CA PRO A 220 7.66 -0.79 15.47
C PRO A 220 9.01 -0.41 16.06
N PRO A 221 9.93 0.08 15.24
CA PRO A 221 11.29 0.33 15.73
C PRO A 221 11.40 1.66 16.46
N ALA A 222 12.35 1.70 17.39
CA ALA A 222 12.71 2.93 18.08
C ALA A 222 13.88 3.58 17.36
N PHE A 223 13.77 4.88 17.11
CA PHE A 223 14.75 5.59 16.30
C PHE A 223 15.71 6.39 17.18
N GLU A 224 16.99 6.36 16.81
CA GLU A 224 18.03 7.15 17.46
C GLU A 224 18.90 7.80 16.40
N TRP A 225 19.41 8.98 16.72
CA TRP A 225 20.24 9.75 15.81
C TRP A 225 21.63 9.95 16.41
N TYR A 226 22.65 9.85 15.55
CA TYR A 226 24.03 10.01 15.98
C TYR A 226 24.75 10.90 14.96
N LYS A 227 25.36 11.98 15.44
CA LYS A 227 26.21 12.84 14.62
C LYS A 227 27.66 12.40 14.83
N GLY A 228 28.24 11.78 13.81
CA GLY A 228 29.62 11.34 13.88
C GLY A 228 29.94 10.57 15.14
N GLU A 229 29.12 9.56 15.45
CA GLU A 229 29.30 8.68 16.60
C GLU A 229 29.00 9.37 17.93
N LYS A 230 28.29 10.49 17.89
CA LYS A 230 27.83 11.18 19.10
C LYS A 230 26.30 11.21 19.07
N LYS A 231 25.67 10.63 20.09
CA LYS A 231 24.22 10.59 20.11
C LYS A 231 23.65 12.00 20.12
N LEU A 232 22.44 12.13 19.57
CA LEU A 232 21.73 13.40 19.50
C LEU A 232 20.47 13.33 20.35
N PHE A 233 20.10 14.48 20.90
CA PHE A 233 18.92 14.60 21.75
C PHE A 233 17.97 15.65 21.17
N ASN A 234 16.70 15.55 21.55
CA ASN A 234 15.66 16.35 20.93
C ASN A 234 15.89 17.85 21.08
N GLY A 235 16.73 18.28 22.02
CA GLY A 235 16.99 19.69 22.23
C GLY A 235 18.45 20.02 22.42
N GLN A 236 19.32 19.37 21.65
CA GLN A 236 20.77 19.52 21.79
C GLN A 236 21.25 20.46 20.69
N GLN A 237 21.47 21.72 21.05
CA GLN A 237 22.04 22.71 20.14
C GLN A 237 21.11 22.97 18.95
N GLY A 238 19.85 23.28 19.26
CA GLY A 238 18.90 23.71 18.26
C GLY A 238 18.33 22.64 17.38
N ILE A 239 18.73 21.38 17.55
CA ILE A 239 18.18 20.31 16.71
C ILE A 239 16.85 19.85 17.27
N ILE A 240 16.07 19.16 16.43
CA ILE A 240 14.75 18.66 16.79
C ILE A 240 14.60 17.27 16.18
N ILE A 241 14.36 16.27 17.02
CA ILE A 241 14.14 14.89 16.59
C ILE A 241 12.66 14.57 16.78
N GLN A 242 11.99 14.22 15.69
CA GLN A 242 10.59 13.82 15.71
C GLN A 242 10.52 12.34 15.35
N ASN A 243 10.18 11.50 16.33
CA ASN A 243 10.09 10.07 16.11
C ASN A 243 8.63 9.69 15.89
N PHE A 244 8.36 8.99 14.79
CA PHE A 244 7.05 8.47 14.46
C PHE A 244 7.09 6.95 14.41
N SER A 245 5.95 6.35 14.11
CA SER A 245 5.86 4.89 14.06
C SER A 245 6.73 4.32 12.94
N THR A 246 6.70 4.94 11.77
CA THR A 246 7.37 4.40 10.59
C THR A 246 8.54 5.24 10.11
N ARG A 247 8.85 6.35 10.77
CA ARG A 247 9.95 7.20 10.32
C ARG A 247 10.37 8.12 11.45
N SER A 248 11.58 8.65 11.32
CA SER A 248 12.10 9.67 12.22
C SER A 248 12.71 10.78 11.39
N ILE A 249 12.52 12.02 11.83
CA ILE A 249 12.95 13.20 11.09
C ILE A 249 13.86 14.02 12.00
N LEU A 250 15.08 14.29 11.53
CA LEU A 250 16.02 15.16 12.23
C LEU A 250 15.98 16.51 11.55
N THR A 251 15.67 17.55 12.34
CA THR A 251 15.54 18.91 11.83
C THR A 251 16.58 19.80 12.49
N VAL A 252 17.56 20.24 11.71
CA VAL A 252 18.55 21.21 12.15
C VAL A 252 17.98 22.60 11.92
N THR A 253 17.73 23.34 13.00
CA THR A 253 17.07 24.65 12.88
C THR A 253 17.81 25.56 11.92
N ASN A 254 19.07 25.88 12.22
CA ASN A 254 19.91 26.70 11.36
C ASN A 254 21.14 25.90 10.99
N VAL A 255 21.36 25.71 9.69
CA VAL A 255 22.44 24.87 9.20
C VAL A 255 23.75 25.65 9.23
N THR A 256 24.42 25.64 10.38
CA THR A 256 25.73 26.25 10.47
C THR A 256 26.80 25.25 10.01
N GLN A 257 28.00 25.77 9.77
CA GLN A 257 29.11 24.92 9.35
C GLN A 257 29.43 23.86 10.40
N GLU A 258 29.01 24.07 11.65
CA GLU A 258 29.28 23.12 12.72
C GLU A 258 28.42 21.87 12.65
N HIS A 259 27.38 21.86 11.82
CA HIS A 259 26.50 20.72 11.68
C HIS A 259 26.86 19.81 10.50
N PHE A 260 27.70 20.28 9.58
CA PHE A 260 28.12 19.44 8.46
C PHE A 260 28.74 18.15 8.99
N GLY A 261 28.47 17.05 8.30
CA GLY A 261 29.06 15.78 8.65
C GLY A 261 28.11 14.63 8.36
N ASN A 262 28.60 13.43 8.65
CA ASN A 262 27.86 12.20 8.43
C ASN A 262 26.88 11.99 9.58
N TYR A 263 25.58 12.05 9.28
CA TYR A 263 24.55 11.73 10.25
C TYR A 263 24.16 10.26 10.11
N THR A 264 23.77 9.66 11.23
CA THR A 264 23.48 8.22 11.28
C THR A 264 22.13 8.01 11.95
N CYS A 265 21.22 7.37 11.23
CA CYS A 265 19.93 6.96 11.78
C CYS A 265 20.01 5.51 12.21
N VAL A 266 19.35 5.20 13.33
CA VAL A 266 19.38 3.87 13.92
C VAL A 266 17.96 3.47 14.27
N ALA A 267 17.57 2.24 13.89
CA ALA A 267 16.24 1.72 14.17
C ALA A 267 16.38 0.33 14.79
N ALA A 268 15.83 0.17 15.99
CA ALA A 268 15.96 -1.08 16.74
C ALA A 268 14.63 -1.47 17.36
N ASN A 269 14.44 -2.77 17.50
CA ASN A 269 13.28 -3.31 18.21
C ASN A 269 13.75 -4.53 19.02
N LYS A 270 12.80 -5.35 19.45
CA LYS A 270 13.14 -6.50 20.28
C LYS A 270 14.03 -7.49 19.54
N LEU A 271 13.90 -7.60 18.22
CA LEU A 271 14.56 -8.66 17.48
C LEU A 271 15.92 -8.25 16.90
N GLY A 272 16.20 -6.96 16.79
CA GLY A 272 17.48 -6.53 16.26
C GLY A 272 17.52 -5.03 16.04
N THR A 273 18.51 -4.60 15.27
CA THR A 273 18.71 -3.18 14.98
C THR A 273 19.24 -3.04 13.56
N THR A 274 19.49 -1.79 13.17
CA THR A 274 20.03 -1.46 11.86
C THR A 274 20.28 0.03 11.78
N ASN A 275 21.27 0.45 10.99
CA ASN A 275 21.63 1.86 10.88
C ASN A 275 21.78 2.24 9.41
N ALA A 276 21.78 3.54 9.17
CA ALA A 276 21.96 4.09 7.84
C ALA A 276 22.45 5.52 7.97
N SER A 277 23.57 5.82 7.31
CA SER A 277 24.23 7.12 7.42
C SER A 277 24.03 7.94 6.15
N LEU A 278 24.25 9.24 6.28
CA LEU A 278 24.11 10.18 5.16
C LEU A 278 24.80 11.50 5.52
N PRO A 279 25.65 12.03 4.65
CA PRO A 279 26.31 13.31 4.94
C PRO A 279 25.51 14.53 4.47
N LEU A 280 25.89 15.67 5.04
CA LEU A 280 25.37 16.97 4.64
C LEU A 280 26.50 17.73 3.95
N ASN A 281 26.36 17.96 2.64
CA ASN A 281 27.40 18.59 1.84
C ASN A 281 28.77 17.94 2.08
N ALA B 11 39.60 36.93 -43.04
CA ALA B 11 38.36 37.30 -42.36
C ALA B 11 37.41 36.12 -42.29
N ALA B 12 37.41 35.42 -41.17
CA ALA B 12 36.56 34.25 -40.97
C ALA B 12 35.93 34.31 -39.57
N VAL B 13 34.85 33.56 -39.40
CA VAL B 13 34.11 33.53 -38.14
C VAL B 13 33.71 32.10 -37.84
N ASP B 14 33.71 31.75 -36.55
CA ASP B 14 33.32 30.43 -36.10
C ASP B 14 32.78 30.53 -34.68
N ASN B 15 31.96 29.54 -34.30
CA ASN B 15 31.41 29.46 -32.95
C ASN B 15 31.87 28.17 -32.29
N MET B 16 31.82 28.17 -30.96
CA MET B 16 32.15 26.98 -30.20
C MET B 16 31.49 27.08 -28.83
N MET B 17 30.87 25.99 -28.40
CA MET B 17 30.18 25.92 -27.12
C MET B 17 30.77 24.79 -26.30
N VAL B 18 31.07 25.07 -25.04
CA VAL B 18 31.75 24.12 -24.16
C VAL B 18 31.17 24.23 -22.76
N ARG B 19 31.04 23.09 -22.09
CA ARG B 19 30.61 23.09 -20.70
C ARG B 19 31.70 23.69 -19.83
N LYS B 20 31.28 24.28 -18.70
CA LYS B 20 32.23 24.77 -17.72
C LYS B 20 33.16 23.63 -17.30
N GLY B 21 34.46 23.90 -17.29
CA GLY B 21 35.47 22.94 -16.90
C GLY B 21 36.16 22.26 -18.07
N ASP B 22 35.46 22.08 -19.19
CA ASP B 22 36.05 21.40 -20.33
C ASP B 22 37.24 22.20 -20.88
N THR B 23 37.98 21.56 -21.78
CA THR B 23 39.13 22.17 -22.44
C THR B 23 38.73 22.60 -23.85
N ALA B 24 38.82 23.91 -24.12
CA ALA B 24 38.48 24.48 -25.41
C ALA B 24 39.73 24.60 -26.27
N VAL B 25 39.57 24.31 -27.56
CA VAL B 25 40.66 24.43 -28.54
C VAL B 25 40.14 25.27 -29.70
N LEU B 26 40.47 26.56 -29.69
CA LEU B 26 40.07 27.47 -30.77
C LEU B 26 41.05 27.32 -31.93
N ARG B 27 40.52 27.03 -33.12
CA ARG B 27 41.33 26.63 -34.26
C ARG B 27 41.85 27.85 -35.01
N CYS B 28 43.10 27.76 -35.47
CA CYS B 28 43.71 28.78 -36.30
C CYS B 28 44.85 28.16 -37.09
N TYR B 29 45.00 28.56 -38.34
CA TYR B 29 45.93 27.95 -39.28
C TYR B 29 46.88 29.03 -39.79
N LEU B 30 48.18 28.72 -39.80
CA LEU B 30 49.17 29.69 -40.24
C LEU B 30 49.27 29.71 -41.76
N GLU B 31 49.95 30.74 -42.28
CA GLU B 31 50.07 30.95 -43.71
C GLU B 31 51.45 30.51 -44.21
N ASP B 32 51.72 29.21 -44.06
CA ASP B 32 52.94 28.61 -44.57
C ASP B 32 54.16 29.05 -43.75
N GLY B 33 55.34 28.93 -44.33
CA GLY B 33 56.56 29.29 -43.62
C GLY B 33 56.71 30.79 -43.48
N ALA B 34 57.47 31.19 -42.47
CA ALA B 34 57.72 32.60 -42.18
C ALA B 34 56.41 33.35 -41.97
N SER B 35 55.44 32.68 -41.35
CA SER B 35 54.13 33.25 -41.07
C SER B 35 53.78 32.93 -39.62
N LYS B 36 53.64 33.97 -38.80
CA LYS B 36 53.33 33.82 -37.39
C LYS B 36 51.89 34.25 -37.11
N GLY B 37 51.37 33.79 -35.98
CA GLY B 37 50.03 34.10 -35.55
C GLY B 37 50.02 34.77 -34.18
N ALA B 38 48.87 35.31 -33.83
CA ALA B 38 48.68 35.97 -32.54
C ALA B 38 47.21 35.91 -32.16
N TRP B 39 46.96 35.61 -30.90
CA TRP B 39 45.60 35.47 -30.38
C TRP B 39 45.25 36.68 -29.52
N LEU B 40 44.01 37.14 -29.64
CA LEU B 40 43.50 38.25 -28.85
C LEU B 40 42.26 37.81 -28.07
N ASN B 41 42.05 38.48 -26.94
CA ASN B 41 40.85 38.33 -26.12
C ASN B 41 40.10 39.65 -26.17
N ARG B 42 39.09 39.72 -27.02
CA ARG B 42 38.48 41.00 -27.34
C ARG B 42 39.54 41.92 -27.91
N SER B 43 40.23 42.66 -27.03
CA SER B 43 41.35 43.51 -27.44
C SER B 43 42.54 43.35 -26.52
N SER B 44 42.61 42.24 -25.78
CA SER B 44 43.74 41.94 -24.90
C SER B 44 44.56 40.84 -25.55
N ILE B 45 45.87 41.05 -25.62
CA ILE B 45 46.76 40.11 -26.29
C ILE B 45 47.03 38.92 -25.37
N ILE B 46 46.86 37.71 -25.90
CA ILE B 46 47.16 36.49 -25.16
C ILE B 46 48.50 35.94 -25.63
N PHE B 47 48.62 35.69 -26.93
CA PHE B 47 49.83 35.13 -27.52
C PHE B 47 50.19 35.89 -28.79
N ALA B 48 51.49 35.89 -29.10
CA ALA B 48 51.99 36.40 -30.37
C ALA B 48 53.20 35.56 -30.74
N GLY B 49 53.02 34.65 -31.68
CA GLY B 49 54.08 33.68 -31.97
C GLY B 49 54.23 32.73 -30.79
N GLY B 50 55.47 32.47 -30.39
CA GLY B 50 55.73 31.62 -29.25
C GLY B 50 55.76 32.33 -27.92
N ASP B 51 55.51 33.63 -27.90
CA ASP B 51 55.59 34.44 -26.70
C ASP B 51 54.20 34.65 -26.11
N LYS B 52 54.09 34.52 -24.79
CA LYS B 52 52.83 34.61 -24.07
C LYS B 52 52.70 35.97 -23.40
N TRP B 53 51.56 36.63 -23.61
CA TRP B 53 51.23 37.86 -22.91
C TRP B 53 50.33 37.64 -21.71
N SER B 54 49.47 36.62 -21.75
CA SER B 54 48.60 36.34 -20.63
C SER B 54 49.37 35.71 -19.48
N VAL B 55 48.90 35.97 -18.26
CA VAL B 55 49.42 35.28 -17.08
C VAL B 55 48.55 34.10 -16.68
N ASP B 56 47.39 33.93 -17.29
CA ASP B 56 46.48 32.84 -16.97
C ASP B 56 47.14 31.50 -17.29
N PRO B 57 47.44 30.67 -16.29
CA PRO B 57 48.08 29.37 -16.58
C PRO B 57 47.20 28.39 -17.32
N ARG B 58 45.89 28.65 -17.42
CA ARG B 58 45.01 27.79 -18.19
C ARG B 58 45.22 27.91 -19.69
N VAL B 59 45.77 29.02 -20.15
CA VAL B 59 45.81 29.36 -21.57
C VAL B 59 47.16 28.93 -22.14
N SER B 60 47.11 28.15 -23.23
CA SER B 60 48.31 27.69 -23.89
C SER B 60 48.04 27.56 -25.38
N ILE B 61 49.08 27.26 -26.13
CA ILE B 61 49.00 27.05 -27.57
C ILE B 61 49.12 25.57 -27.85
N SER B 62 48.09 24.98 -28.44
CA SER B 62 48.09 23.57 -28.82
C SER B 62 48.61 23.47 -30.24
N THR B 63 49.84 22.98 -30.40
CA THR B 63 50.51 22.88 -31.68
C THR B 63 50.77 21.41 -31.99
N LEU B 64 50.04 20.87 -32.98
CA LEU B 64 50.27 19.53 -33.48
C LEU B 64 51.05 19.53 -34.79
N ASN B 65 50.62 20.34 -35.76
CA ASN B 65 51.34 20.52 -37.00
C ASN B 65 52.25 21.74 -36.92
N LYS B 66 53.15 21.86 -37.90
CA LYS B 66 54.05 23.00 -37.93
C LYS B 66 53.30 24.31 -38.13
N ARG B 67 52.05 24.25 -38.61
CA ARG B 67 51.26 25.45 -38.89
C ARG B 67 50.01 25.52 -38.01
N ASP B 68 49.95 24.73 -36.94
CA ASP B 68 48.80 24.72 -36.05
C ASP B 68 49.04 25.74 -34.94
N TYR B 69 48.24 26.81 -34.94
CA TYR B 69 48.34 27.86 -33.93
C TYR B 69 47.02 28.00 -33.16
N SER B 70 46.50 26.88 -32.68
CA SER B 70 45.22 26.89 -31.97
C SER B 70 45.42 27.30 -30.52
N LEU B 71 44.39 27.91 -29.95
CA LEU B 71 44.39 28.37 -28.58
C LEU B 71 43.72 27.32 -27.69
N GLN B 72 44.42 26.91 -26.63
CA GLN B 72 43.95 25.87 -25.73
C GLN B 72 43.67 26.48 -24.36
N ILE B 73 42.40 26.61 -24.02
CA ILE B 73 41.97 27.13 -22.72
C ILE B 73 41.49 25.94 -21.88
N GLN B 74 42.16 25.71 -20.75
CA GLN B 74 41.78 24.65 -19.83
C GLN B 74 40.86 25.19 -18.75
N ASN B 75 39.96 24.32 -18.27
CA ASN B 75 39.03 24.65 -17.19
C ASN B 75 38.35 25.99 -17.47
N VAL B 76 37.62 26.02 -18.59
CA VAL B 76 36.95 27.25 -19.01
C VAL B 76 35.89 27.63 -17.99
N ASP B 77 35.59 28.93 -17.94
CA ASP B 77 34.56 29.46 -17.05
C ASP B 77 33.72 30.45 -17.83
N VAL B 78 32.57 30.80 -17.24
CA VAL B 78 31.66 31.73 -17.90
C VAL B 78 32.31 33.09 -18.15
N THR B 79 33.34 33.43 -17.37
CA THR B 79 34.05 34.68 -17.60
C THR B 79 34.83 34.69 -18.91
N ASP B 80 35.06 33.52 -19.50
CA ASP B 80 35.79 33.44 -20.77
C ASP B 80 34.91 33.70 -21.99
N ASP B 81 33.59 33.82 -21.80
CA ASP B 81 32.72 34.11 -22.93
C ASP B 81 33.18 35.35 -23.68
N GLY B 82 32.99 35.33 -24.99
CA GLY B 82 33.33 36.47 -25.81
C GLY B 82 34.10 36.08 -27.05
N PRO B 83 34.48 37.10 -27.85
CA PRO B 83 35.17 36.82 -29.11
C PRO B 83 36.68 36.70 -28.96
N TYR B 84 37.27 35.69 -29.59
CA TYR B 84 38.71 35.51 -29.67
C TYR B 84 39.12 35.62 -31.13
N THR B 85 40.21 36.35 -31.39
CA THR B 85 40.64 36.66 -32.74
C THR B 85 42.06 36.17 -32.95
N CYS B 86 42.29 35.50 -34.08
CA CYS B 86 43.61 35.01 -34.47
C CYS B 86 44.05 35.77 -35.71
N SER B 87 45.11 36.55 -35.58
CA SER B 87 45.68 37.32 -36.68
C SER B 87 46.92 36.59 -37.20
N VAL B 88 46.90 36.25 -38.49
CA VAL B 88 47.96 35.48 -39.12
C VAL B 88 48.76 36.38 -40.06
N GLN B 89 50.07 36.42 -39.85
CA GLN B 89 50.95 37.20 -40.71
C GLN B 89 50.91 36.64 -42.14
N THR B 90 51.15 37.51 -43.11
CA THR B 90 51.14 37.08 -44.50
C THR B 90 51.79 38.16 -45.36
N GLN B 91 51.96 37.84 -46.65
CA GLN B 91 52.58 38.78 -47.58
C GLN B 91 51.71 40.01 -47.77
N HIS B 92 50.39 39.84 -47.76
CA HIS B 92 49.44 40.92 -47.95
C HIS B 92 48.69 41.15 -46.62
N THR B 93 47.45 41.62 -46.71
CA THR B 93 46.69 41.91 -45.50
C THR B 93 46.58 40.65 -44.65
N PRO B 94 46.83 40.72 -43.34
CA PRO B 94 46.70 39.54 -42.50
C PRO B 94 45.32 38.91 -42.60
N ARG B 95 45.27 37.60 -42.38
CA ARG B 95 44.01 36.86 -42.34
C ARG B 95 43.52 36.81 -40.90
N THR B 96 42.23 37.09 -40.70
CA THR B 96 41.63 37.15 -39.38
C THR B 96 40.65 35.99 -39.24
N MET B 97 40.84 35.17 -38.21
CA MET B 97 39.93 34.10 -37.85
C MET B 97 39.38 34.40 -36.46
N GLN B 98 38.09 34.66 -36.38
CA GLN B 98 37.43 35.04 -35.13
C GLN B 98 36.57 33.89 -34.62
N VAL B 99 36.63 33.65 -33.32
CA VAL B 99 35.90 32.56 -32.69
C VAL B 99 35.14 33.12 -31.49
N HIS B 100 33.83 32.88 -31.47
CA HIS B 100 32.96 33.32 -30.38
C HIS B 100 32.79 32.16 -29.42
N LEU B 101 33.36 32.30 -28.22
CA LEU B 101 33.31 31.25 -27.21
C LEU B 101 32.13 31.48 -26.28
N THR B 102 31.30 30.45 -26.12
CA THR B 102 30.16 30.49 -25.21
C THR B 102 30.28 29.30 -24.26
N VAL B 103 30.49 29.60 -22.98
CA VAL B 103 30.67 28.57 -21.95
C VAL B 103 29.33 28.38 -21.26
N GLN B 104 28.81 27.16 -21.28
CA GLN B 104 27.51 26.83 -20.72
C GLN B 104 27.67 25.99 -19.46
N VAL B 105 26.69 26.10 -18.57
CA VAL B 105 26.73 25.46 -17.25
C VAL B 105 25.50 24.59 -17.13
N PRO B 106 25.64 23.30 -16.79
CA PRO B 106 24.44 22.48 -16.57
C PRO B 106 23.64 23.01 -15.41
N PRO B 107 22.33 22.75 -15.38
CA PRO B 107 21.51 23.28 -14.30
C PRO B 107 21.72 22.51 -13.00
N LYS B 108 21.46 23.20 -11.88
CA LYS B 108 21.65 22.61 -10.56
C LYS B 108 20.70 23.27 -9.58
N ILE B 109 19.79 22.48 -9.02
CA ILE B 109 18.90 22.98 -7.99
C ILE B 109 19.68 23.21 -6.71
N TYR B 110 19.54 24.40 -6.13
CA TYR B 110 20.25 24.75 -4.91
C TYR B 110 19.34 25.03 -3.72
N ASP B 111 18.03 25.10 -3.93
CA ASP B 111 17.09 25.24 -2.82
C ASP B 111 15.76 24.64 -3.22
N ILE B 112 15.24 23.74 -2.38
CA ILE B 112 13.96 23.09 -2.61
C ILE B 112 13.31 22.84 -1.26
N SER B 113 11.99 23.03 -1.20
CA SER B 113 11.25 22.79 0.03
C SER B 113 11.55 21.39 0.55
N ASN B 114 11.83 21.30 1.85
CA ASN B 114 12.10 20.01 2.47
C ASN B 114 10.81 19.23 2.67
N ASP B 115 10.97 17.92 2.80
CA ASP B 115 9.83 17.04 3.08
C ASP B 115 9.04 17.59 4.25
N MET B 116 7.70 17.51 4.14
CA MET B 116 6.81 18.15 5.11
C MET B 116 5.64 17.23 5.43
N THR B 117 4.94 17.57 6.51
CA THR B 117 3.70 16.91 6.90
C THR B 117 2.70 18.00 7.27
N VAL B 118 1.56 18.03 6.59
CA VAL B 118 0.56 19.07 6.77
C VAL B 118 -0.81 18.43 6.94
N ASN B 119 -1.74 19.21 7.46
CA ASN B 119 -3.12 18.76 7.60
C ASN B 119 -3.88 19.00 6.30
N GLU B 120 -4.97 18.24 6.13
CA GLU B 120 -5.78 18.36 4.94
C GLU B 120 -6.50 19.71 4.91
N GLY B 121 -6.49 20.36 3.75
CA GLY B 121 -7.18 21.62 3.56
C GLY B 121 -6.32 22.85 3.70
N THR B 122 -5.08 22.71 4.16
CA THR B 122 -4.21 23.86 4.33
C THR B 122 -3.62 24.28 2.98
N ASN B 123 -3.17 25.54 2.93
CA ASN B 123 -2.56 26.09 1.74
C ASN B 123 -1.06 25.86 1.79
N VAL B 124 -0.53 25.14 0.79
CA VAL B 124 0.88 24.77 0.75
C VAL B 124 1.51 25.44 -0.46
N THR B 125 2.78 25.82 -0.33
CA THR B 125 3.55 26.40 -1.41
C THR B 125 4.91 25.71 -1.46
N LEU B 126 5.20 25.05 -2.58
CA LEU B 126 6.49 24.42 -2.78
C LEU B 126 7.42 25.38 -3.52
N THR B 127 8.69 25.35 -3.16
CA THR B 127 9.69 26.25 -3.73
C THR B 127 10.84 25.44 -4.30
N CYS B 128 11.35 25.88 -5.45
CA CYS B 128 12.49 25.23 -6.07
C CYS B 128 13.29 26.27 -6.85
N LEU B 129 14.58 26.39 -6.52
CA LEU B 129 15.46 27.37 -7.14
C LEU B 129 16.68 26.67 -7.69
N ALA B 130 17.10 27.04 -8.90
CA ALA B 130 18.19 26.38 -9.59
C ALA B 130 18.99 27.40 -10.40
N THR B 131 20.29 27.13 -10.53
CA THR B 131 21.18 27.92 -11.36
C THR B 131 21.46 27.20 -12.67
N GLY B 132 22.23 27.85 -13.53
CA GLY B 132 22.58 27.29 -14.82
C GLY B 132 22.71 28.40 -15.86
N LYS B 133 23.50 28.11 -16.89
CA LYS B 133 23.70 29.03 -18.00
C LYS B 133 23.48 28.26 -19.30
N PRO B 134 22.46 28.59 -20.11
CA PRO B 134 21.44 29.62 -19.87
C PRO B 134 20.63 29.34 -18.61
N GLU B 135 19.95 30.35 -18.08
CA GLU B 135 19.15 30.14 -16.88
C GLU B 135 18.12 29.04 -17.15
N PRO B 136 17.94 28.09 -16.24
CA PRO B 136 17.09 26.94 -16.53
C PRO B 136 15.61 27.22 -16.31
N SER B 137 14.79 26.45 -17.02
CA SER B 137 13.35 26.44 -16.82
C SER B 137 13.00 25.39 -15.78
N ILE B 138 12.20 25.77 -14.79
CA ILE B 138 11.90 24.94 -13.63
C ILE B 138 10.47 24.43 -13.77
N SER B 139 10.32 23.12 -13.87
CA SER B 139 9.03 22.46 -14.01
C SER B 139 8.72 21.64 -12.77
N TRP B 140 7.48 21.73 -12.30
CA TRP B 140 7.00 20.92 -11.19
C TRP B 140 6.14 19.78 -11.73
N ARG B 141 6.12 18.67 -10.99
CA ARG B 141 5.37 17.50 -11.42
C ARG B 141 4.99 16.66 -10.20
N HIS B 142 3.75 16.19 -10.18
CA HIS B 142 3.24 15.33 -9.12
C HIS B 142 3.30 13.88 -9.60
N ILE B 143 4.04 13.05 -8.86
CA ILE B 143 4.19 11.64 -9.20
C ILE B 143 2.98 10.85 -8.73
N SER B 144 1.98 10.70 -9.60
CA SER B 144 0.75 10.01 -9.28
C SER B 144 0.17 9.44 -10.58
N PRO B 145 -0.66 8.40 -10.49
CA PRO B 145 -1.31 7.89 -11.72
C PRO B 145 -1.95 8.97 -12.57
N SER B 146 -2.35 10.08 -11.97
CA SER B 146 -2.83 11.25 -12.70
C SER B 146 -1.61 12.09 -13.07
N ALA B 147 -1.20 12.04 -14.34
CA ALA B 147 -0.03 12.76 -14.80
C ALA B 147 -0.06 14.21 -14.32
N LYS B 148 -1.02 14.98 -14.83
CA LYS B 148 -1.22 16.36 -14.39
C LYS B 148 0.08 17.16 -14.47
N PRO B 149 0.59 17.43 -15.68
CA PRO B 149 1.77 18.30 -15.79
C PRO B 149 1.44 19.72 -15.36
N PHE B 150 2.24 20.25 -14.44
CA PHE B 150 1.96 21.55 -13.83
C PHE B 150 2.68 22.66 -14.59
N GLU B 151 2.02 23.80 -14.71
CA GLU B 151 2.60 24.95 -15.39
C GLU B 151 3.95 25.30 -14.78
N ASN B 152 4.86 25.75 -15.63
CA ASN B 152 6.22 26.04 -15.18
C ASN B 152 6.22 27.16 -14.15
N GLY B 153 7.28 27.19 -13.36
CA GLY B 153 7.46 28.20 -12.33
C GLY B 153 8.25 27.63 -11.16
N GLN B 154 8.97 28.51 -10.48
CA GLN B 154 9.73 28.10 -9.29
C GLN B 154 8.81 27.66 -8.17
N TYR B 155 7.60 28.21 -8.10
CA TYR B 155 6.70 28.01 -6.97
C TYR B 155 5.46 27.25 -7.44
N LEU B 156 5.07 26.25 -6.68
CA LEU B 156 3.85 25.47 -6.92
C LEU B 156 2.91 25.70 -5.75
N ASP B 157 1.82 26.43 -6.00
CA ASP B 157 0.83 26.72 -4.98
C ASP B 157 -0.24 25.64 -4.97
N ILE B 158 -0.57 25.15 -3.78
CA ILE B 158 -1.58 24.10 -3.60
C ILE B 158 -2.55 24.59 -2.54
N TYR B 159 -3.66 25.18 -2.97
CA TYR B 159 -4.69 25.66 -2.05
C TYR B 159 -5.66 24.54 -1.72
N GLY B 160 -6.04 24.45 -0.45
CA GLY B 160 -6.94 23.41 0.01
C GLY B 160 -6.45 22.02 -0.37
N ILE B 161 -5.32 21.62 0.21
CA ILE B 161 -4.71 20.35 -0.15
C ILE B 161 -5.58 19.20 0.33
N THR B 162 -5.83 18.25 -0.55
CA THR B 162 -6.66 17.08 -0.25
C THR B 162 -5.77 15.88 0.04
N ARG B 163 -6.37 14.86 0.67
CA ARG B 163 -5.63 13.65 0.99
C ARG B 163 -5.09 12.99 -0.28
N ASP B 164 -5.76 13.17 -1.42
CA ASP B 164 -5.32 12.59 -2.67
C ASP B 164 -4.16 13.34 -3.31
N GLN B 165 -3.84 14.52 -2.82
CA GLN B 165 -2.74 15.32 -3.37
C GLN B 165 -1.42 15.07 -2.64
N ALA B 166 -1.37 14.09 -1.75
CA ALA B 166 -0.13 13.77 -1.06
C ALA B 166 0.80 12.98 -1.99
N GLY B 167 2.03 12.77 -1.52
CA GLY B 167 3.00 12.00 -2.27
C GLY B 167 4.25 12.79 -2.58
N GLU B 168 5.02 12.33 -3.57
CA GLU B 168 6.27 12.98 -3.94
C GLU B 168 6.03 13.95 -5.09
N TYR B 169 6.59 15.16 -4.96
CA TYR B 169 6.57 16.17 -6.00
C TYR B 169 7.97 16.35 -6.55
N GLU B 170 8.08 16.45 -7.87
CA GLU B 170 9.36 16.46 -8.56
C GLU B 170 9.59 17.82 -9.18
N CYS B 171 10.72 18.44 -8.83
CA CYS B 171 11.18 19.67 -9.46
C CYS B 171 12.23 19.34 -10.51
N SER B 172 12.02 19.83 -11.73
CA SER B 172 12.93 19.59 -12.84
C SER B 172 13.40 20.92 -13.41
N ALA B 173 14.72 21.12 -13.42
CA ALA B 173 15.35 22.34 -13.93
C ALA B 173 16.14 21.98 -15.18
N GLU B 174 15.71 22.49 -16.33
CA GLU B 174 16.32 22.15 -17.61
C GLU B 174 16.74 23.41 -18.34
N ASN B 175 17.82 23.29 -19.11
CA ASN B 175 18.26 24.38 -19.97
C ASN B 175 18.87 23.87 -21.29
N ASP B 176 18.68 22.61 -21.64
CA ASP B 176 19.16 22.00 -22.88
C ASP B 176 20.67 21.86 -22.93
N VAL B 177 21.39 22.21 -21.85
CA VAL B 177 22.85 22.11 -21.87
C VAL B 177 23.28 20.67 -21.63
N SER B 178 22.81 20.06 -20.55
CA SER B 178 23.11 18.67 -20.24
C SER B 178 21.86 18.06 -19.62
N PHE B 179 22.04 17.00 -18.84
CA PHE B 179 20.91 16.40 -18.15
C PHE B 179 20.33 17.41 -17.16
N PRO B 180 19.00 17.54 -17.10
CA PRO B 180 18.42 18.46 -16.11
C PRO B 180 18.52 17.92 -14.71
N ASP B 181 18.62 18.83 -13.74
CA ASP B 181 18.67 18.46 -12.35
C ASP B 181 17.26 18.19 -11.83
N VAL B 182 17.13 17.14 -11.02
CA VAL B 182 15.82 16.69 -10.55
C VAL B 182 15.91 16.37 -9.06
N ARG B 183 15.11 17.06 -8.26
CA ARG B 183 14.98 16.77 -6.83
C ARG B 183 13.50 16.58 -6.51
N LYS B 184 13.24 15.96 -5.37
CA LYS B 184 11.88 15.58 -4.98
C LYS B 184 11.57 16.09 -3.58
N VAL B 185 10.27 16.14 -3.29
CA VAL B 185 9.76 16.59 -2.00
C VAL B 185 8.62 15.66 -1.62
N LYS B 186 8.63 15.16 -0.38
CA LYS B 186 7.59 14.26 0.11
C LYS B 186 6.61 15.04 0.97
N VAL B 187 5.36 15.08 0.54
CA VAL B 187 4.30 15.79 1.25
C VAL B 187 3.34 14.76 1.83
N VAL B 188 3.18 14.77 3.15
CA VAL B 188 2.26 13.89 3.85
C VAL B 188 1.08 14.73 4.32
N VAL B 189 -0.13 14.28 3.97
CA VAL B 189 -1.36 15.00 4.29
C VAL B 189 -2.09 14.21 5.36
N ASN B 190 -2.20 14.77 6.54
CA ASN B 190 -2.98 14.16 7.61
C ASN B 190 -4.44 14.54 7.44
N PHE B 191 -5.33 13.62 7.78
CA PHE B 191 -6.75 13.89 7.68
C PHE B 191 -7.52 12.98 8.64
N ALA B 192 -8.70 13.45 9.03
CA ALA B 192 -9.56 12.64 9.89
C ALA B 192 -10.01 11.39 9.13
N PRO B 193 -10.27 10.29 9.85
CA PRO B 193 -10.52 9.03 9.16
C PRO B 193 -11.83 9.05 8.40
N THR B 194 -11.90 8.17 7.39
CA THR B 194 -13.06 8.04 6.53
C THR B 194 -13.39 6.56 6.38
N ILE B 195 -14.63 6.19 6.66
CA ILE B 195 -15.09 4.82 6.52
C ILE B 195 -15.59 4.65 5.10
N GLN B 196 -14.81 3.97 4.27
CA GLN B 196 -15.15 3.82 2.86
C GLN B 196 -16.26 2.80 2.65
N GLU B 197 -16.33 1.79 3.50
CA GLU B 197 -17.30 0.71 3.32
C GLU B 197 -17.58 0.06 4.66
N ILE B 198 -18.81 -0.44 4.80
CA ILE B 198 -19.19 -1.23 5.96
C ILE B 198 -20.22 -2.26 5.47
N LYS B 199 -19.81 -3.52 5.39
CA LYS B 199 -20.64 -4.57 4.82
C LYS B 199 -20.59 -5.79 5.73
N SER B 200 -21.76 -6.34 6.03
CA SER B 200 -21.87 -7.57 6.80
C SER B 200 -22.12 -8.75 5.86
N GLY B 201 -21.75 -9.93 6.33
CA GLY B 201 -21.93 -11.14 5.56
C GLY B 201 -23.20 -11.88 5.94
N THR B 202 -23.50 -12.91 5.16
CA THR B 202 -24.65 -13.75 5.44
C THR B 202 -24.44 -14.49 6.76
N VAL B 203 -25.56 -14.84 7.41
CA VAL B 203 -25.53 -15.43 8.73
C VAL B 203 -26.59 -16.52 8.80
N THR B 204 -26.17 -17.78 8.82
CA THR B 204 -27.06 -18.84 9.26
C THR B 204 -27.35 -18.64 10.74
N PRO B 205 -28.62 -18.77 11.17
CA PRO B 205 -28.97 -18.37 12.54
C PRO B 205 -27.97 -18.80 13.60
N GLY B 206 -27.78 -20.11 13.78
CA GLY B 206 -26.86 -20.59 14.81
C GLY B 206 -25.39 -20.35 14.52
N ARG B 207 -25.06 -19.90 13.32
CA ARG B 207 -23.68 -19.74 12.92
C ARG B 207 -23.21 -18.31 13.21
N SER B 208 -22.01 -17.97 12.75
CA SER B 208 -21.39 -16.69 13.10
C SER B 208 -21.72 -15.62 12.06
N GLY B 209 -21.51 -14.37 12.47
CA GLY B 209 -21.72 -13.22 11.62
C GLY B 209 -20.47 -12.39 11.53
N LEU B 210 -20.28 -11.73 10.39
CA LEU B 210 -19.08 -10.95 10.13
C LEU B 210 -19.48 -9.58 9.63
N ILE B 211 -18.73 -8.56 10.04
CA ILE B 211 -18.91 -7.18 9.58
C ILE B 211 -17.55 -6.58 9.29
N ARG B 212 -17.31 -6.20 8.04
CA ARG B 212 -16.09 -5.51 7.67
C ARG B 212 -16.29 -4.01 7.80
N CYS B 213 -15.23 -3.30 8.18
CA CYS B 213 -15.26 -1.84 8.31
C CYS B 213 -13.96 -1.33 7.70
N GLU B 214 -14.02 -0.99 6.41
CA GLU B 214 -12.86 -0.45 5.72
C GLU B 214 -12.73 1.04 6.01
N GLY B 215 -11.52 1.48 6.29
CA GLY B 215 -11.29 2.87 6.64
C GLY B 215 -9.91 3.33 6.24
N ALA B 216 -9.80 4.63 5.96
CA ALA B 216 -8.55 5.28 5.64
C ALA B 216 -8.29 6.37 6.66
N GLY B 217 -7.02 6.80 6.75
CA GLY B 217 -6.66 7.83 7.71
C GLY B 217 -5.16 7.97 7.91
N VAL B 218 -4.69 9.21 8.00
CA VAL B 218 -3.29 9.50 8.25
C VAL B 218 -3.21 10.50 9.40
N PRO B 219 -2.71 10.11 10.59
CA PRO B 219 -2.19 8.79 10.94
C PRO B 219 -3.25 7.69 10.85
N PRO B 220 -2.82 6.43 10.82
CA PRO B 220 -3.77 5.32 10.68
C PRO B 220 -4.79 5.32 11.80
N PRO B 221 -6.05 5.00 11.51
CA PRO B 221 -7.09 5.12 12.53
C PRO B 221 -7.16 3.92 13.47
N ALA B 222 -7.61 4.19 14.68
CA ALA B 222 -7.91 3.17 15.66
C ALA B 222 -9.40 2.83 15.58
N PHE B 223 -9.72 1.55 15.54
CA PHE B 223 -11.08 1.10 15.31
C PHE B 223 -11.75 0.69 16.61
N GLU B 224 -13.02 1.07 16.76
CA GLU B 224 -13.85 0.66 17.89
C GLU B 224 -15.22 0.25 17.36
N TRP B 225 -15.84 -0.71 18.05
CA TRP B 225 -17.15 -1.22 17.67
C TRP B 225 -18.15 -0.97 18.80
N TYR B 226 -19.37 -0.61 18.44
CA TYR B 226 -20.42 -0.29 19.38
C TYR B 226 -21.73 -0.97 18.95
N LYS B 227 -22.66 -1.05 19.90
CA LYS B 227 -24.04 -1.43 19.59
C LYS B 227 -24.93 -0.74 20.62
N GLY B 228 -25.58 0.34 20.22
CA GLY B 228 -26.47 1.06 21.10
C GLY B 228 -25.77 1.71 22.27
N GLU B 229 -24.74 2.52 21.98
CA GLU B 229 -24.00 3.32 22.96
C GLU B 229 -23.10 2.49 23.86
N LYS B 230 -23.06 1.16 23.70
CA LYS B 230 -22.25 0.30 24.54
C LYS B 230 -21.10 -0.27 23.72
N LYS B 231 -19.88 -0.07 24.21
CA LYS B 231 -18.69 -0.50 23.47
C LYS B 231 -18.53 -2.01 23.57
N LEU B 232 -18.28 -2.64 22.43
CA LEU B 232 -18.00 -4.06 22.36
C LEU B 232 -16.51 -4.31 22.51
N PHE B 233 -16.17 -5.43 23.14
CA PHE B 233 -14.78 -5.77 23.46
C PHE B 233 -14.43 -7.14 22.90
N ASN B 234 -13.18 -7.29 22.46
CA ASN B 234 -12.72 -8.56 21.94
C ASN B 234 -12.75 -9.63 23.04
N GLY B 235 -13.22 -10.82 22.67
CA GLY B 235 -13.22 -11.94 23.59
C GLY B 235 -14.14 -11.82 24.77
N GLN B 236 -15.12 -10.92 24.71
CA GLN B 236 -16.10 -10.76 25.78
C GLN B 236 -17.50 -10.87 25.19
N GLN B 237 -18.40 -11.53 25.93
CA GLN B 237 -19.79 -11.71 25.53
C GLN B 237 -19.95 -12.57 24.28
N GLY B 238 -18.88 -13.22 23.82
CA GLY B 238 -18.96 -14.08 22.66
C GLY B 238 -18.81 -13.36 21.34
N ILE B 239 -17.78 -12.51 21.23
CA ILE B 239 -17.47 -11.79 20.00
C ILE B 239 -15.96 -11.74 19.83
N ILE B 240 -15.54 -11.42 18.61
CA ILE B 240 -14.13 -11.33 18.27
C ILE B 240 -13.92 -10.11 17.38
N ILE B 241 -13.10 -9.17 17.84
CA ILE B 241 -12.74 -7.98 17.08
C ILE B 241 -11.29 -8.13 16.65
N GLN B 242 -11.06 -8.16 15.35
CA GLN B 242 -9.71 -8.23 14.78
C GLN B 242 -9.46 -6.94 14.01
N ASN B 243 -8.54 -6.12 14.52
CA ASN B 243 -8.23 -4.83 13.94
C ASN B 243 -6.97 -4.94 13.08
N PHE B 244 -7.06 -4.43 11.86
CA PHE B 244 -5.93 -4.37 10.94
C PHE B 244 -5.59 -2.91 10.65
N SER B 245 -4.59 -2.71 9.78
CA SER B 245 -4.13 -1.35 9.52
C SER B 245 -5.24 -0.51 8.88
N THR B 246 -5.95 -1.07 7.91
CA THR B 246 -6.94 -0.33 7.14
C THR B 246 -8.37 -0.83 7.37
N ARG B 247 -8.57 -1.77 8.28
CA ARG B 247 -9.91 -2.32 8.45
C ARG B 247 -10.01 -3.00 9.82
N SER B 248 -11.24 -3.18 10.26
CA SER B 248 -11.57 -3.91 11.48
C SER B 248 -12.72 -4.86 11.17
N ILE B 249 -12.68 -6.05 11.77
CA ILE B 249 -13.65 -7.09 11.51
C ILE B 249 -14.29 -7.49 12.83
N LEU B 250 -15.62 -7.39 12.91
CA LEU B 250 -16.39 -7.82 14.06
C LEU B 250 -17.01 -9.18 13.76
N THR B 251 -16.73 -10.16 14.60
CA THR B 251 -17.24 -11.52 14.43
C THR B 251 -18.12 -11.85 15.63
N VAL B 252 -19.39 -12.16 15.37
CA VAL B 252 -20.33 -12.60 16.38
C VAL B 252 -20.44 -14.12 16.28
N THR B 253 -20.11 -14.81 17.37
CA THR B 253 -20.00 -16.26 17.34
C THR B 253 -21.34 -16.92 17.06
N ASN B 254 -22.30 -16.77 17.97
CA ASN B 254 -23.62 -17.40 17.86
C ASN B 254 -24.66 -16.30 17.72
N VAL B 255 -25.22 -16.15 16.52
CA VAL B 255 -26.15 -15.05 16.22
C VAL B 255 -27.55 -15.54 16.55
N THR B 256 -27.98 -15.29 17.78
CA THR B 256 -29.34 -15.56 18.19
C THR B 256 -30.22 -14.34 17.90
N GLN B 257 -31.54 -14.53 18.04
CA GLN B 257 -32.46 -13.43 17.83
C GLN B 257 -32.16 -12.24 18.73
N GLU B 258 -31.44 -12.47 19.83
CA GLU B 258 -31.08 -11.41 20.77
C GLU B 258 -29.83 -10.65 20.35
N HIS B 259 -29.40 -10.78 19.09
CA HIS B 259 -28.25 -10.07 18.57
C HIS B 259 -28.62 -9.04 17.49
N PHE B 260 -29.76 -9.19 16.83
CA PHE B 260 -30.14 -8.26 15.78
C PHE B 260 -30.14 -6.84 16.31
N GLY B 261 -29.84 -5.90 15.43
CA GLY B 261 -29.78 -4.49 15.80
C GLY B 261 -28.78 -3.76 14.93
N ASN B 262 -28.64 -2.47 15.23
CA ASN B 262 -27.74 -1.60 14.48
C ASN B 262 -26.37 -1.61 15.14
N TYR B 263 -25.37 -2.14 14.42
CA TYR B 263 -23.99 -2.09 14.86
C TYR B 263 -23.32 -0.85 14.28
N THR B 264 -22.35 -0.31 15.02
CA THR B 264 -21.71 0.95 14.67
C THR B 264 -20.20 0.78 14.73
N CYS B 265 -19.52 1.04 13.62
CA CYS B 265 -18.07 1.04 13.56
C CYS B 265 -17.57 2.48 13.71
N VAL B 266 -16.43 2.63 14.38
CA VAL B 266 -15.87 3.94 14.67
C VAL B 266 -14.39 3.93 14.31
N ALA B 267 -13.96 4.98 13.59
CA ALA B 267 -12.56 5.15 13.19
C ALA B 267 -12.14 6.55 13.56
N ALA B 268 -11.11 6.67 14.40
CA ALA B 268 -10.67 7.96 14.91
C ALA B 268 -9.15 8.03 14.93
N ASN B 269 -8.63 9.23 14.74
CA ASN B 269 -7.20 9.48 14.88
C ASN B 269 -7.03 10.83 15.57
N LYS B 270 -5.83 11.40 15.48
CA LYS B 270 -5.55 12.65 16.18
C LYS B 270 -6.40 13.80 15.65
N LEU B 271 -6.77 13.77 14.37
CA LEU B 271 -7.41 14.92 13.74
C LEU B 271 -8.93 14.86 13.75
N GLY B 272 -9.53 13.71 14.01
CA GLY B 272 -10.98 13.63 14.03
C GLY B 272 -11.47 12.21 14.18
N THR B 273 -12.76 12.03 13.87
CA THR B 273 -13.42 10.73 14.00
C THR B 273 -14.48 10.61 12.92
N THR B 274 -15.21 9.49 12.96
CA THR B 274 -16.28 9.21 12.00
C THR B 274 -17.00 7.92 12.41
N ASN B 275 -18.28 7.80 12.03
CA ASN B 275 -19.08 6.64 12.40
C ASN B 275 -19.76 6.07 11.16
N ALA B 276 -20.22 4.83 11.29
CA ALA B 276 -20.96 4.17 10.22
C ALA B 276 -21.75 3.03 10.84
N SER B 277 -23.04 3.00 10.60
CA SER B 277 -23.92 2.00 11.20
C SER B 277 -24.34 0.97 10.15
N LEU B 278 -24.75 -0.20 10.65
CA LEU B 278 -25.15 -1.30 9.79
C LEU B 278 -25.85 -2.39 10.61
N PRO B 279 -26.95 -2.95 10.13
CA PRO B 279 -27.59 -4.05 10.86
C PRO B 279 -26.88 -5.37 10.58
N LEU B 280 -27.20 -6.37 11.41
CA LEU B 280 -26.60 -7.70 11.32
C LEU B 280 -27.58 -8.65 10.65
N ASN B 281 -27.22 -9.12 9.46
CA ASN B 281 -28.09 -9.99 8.67
C ASN B 281 -28.07 -11.42 9.22
C1 NAG C . -38.11 -42.12 13.02
C2 NAG C . -38.34 -41.04 14.08
C3 NAG C . -37.01 -40.69 14.74
C4 NAG C . -36.34 -41.94 15.28
C5 NAG C . -36.22 -43.00 14.19
C6 NAG C . -35.69 -44.32 14.71
C7 NAG C . -40.27 -39.64 13.46
C8 NAG C . -41.14 -40.70 14.06
N2 NAG C . -38.94 -39.86 13.48
O3 NAG C . -37.25 -39.76 15.80
O4 NAG C . -35.04 -41.62 15.77
O5 NAG C . -37.50 -43.26 13.62
O6 NAG C . -36.31 -45.42 14.05
O7 NAG C . -40.73 -38.63 12.94
H2 NAG C . -38.93 -41.41 14.76
H3 NAG C . -36.42 -40.28 14.08
H4 NAG C . -36.88 -42.30 16.02
H5 NAG C . -35.62 -42.67 13.49
H61 NAG C . -35.88 -44.39 15.67
H62 NAG C . -34.73 -44.37 14.56
H81 NAG C . -42.08 -40.46 13.93
H82 NAG C . -40.96 -40.75 15.02
H83 NAG C . -40.95 -41.56 13.64
HN2 NAG C . -38.40 -39.24 13.13
HO3 NAG C . -37.66 -40.18 16.46
HO6 NAG C . -37.12 -45.17 13.77
C1 NAG C . -35.15 -41.49 17.16
C2 NAG C . -33.82 -41.86 17.82
C3 NAG C . -33.86 -41.52 19.30
C4 NAG C . -34.25 -40.06 19.49
C5 NAG C . -35.55 -39.75 18.75
C6 NAG C . -35.93 -38.29 18.80
C7 NAG C . -32.83 -43.74 16.60
C8 NAG C . -32.61 -45.23 16.57
N2 NAG C . -33.53 -43.28 17.64
O3 NAG C . -32.57 -41.74 19.87
O4 NAG C . -34.43 -39.78 20.87
O5 NAG C . -35.42 -40.10 17.37
O6 NAG C . -36.38 -37.83 17.54
O7 NAG C . -32.38 -43.01 15.73
H2 NAG C . -33.11 -41.35 17.40
H3 NAG C . -34.51 -42.08 19.75
H4 NAG C . -33.54 -39.48 19.14
H5 NAG C . -36.26 -40.29 19.15
H61 NAG C . -35.15 -37.77 19.07
H62 NAG C . -36.64 -38.17 19.46
H81 NAG C . -32.08 -45.47 15.79
H82 NAG C . -33.48 -45.68 16.53
H83 NAG C . -32.15 -45.51 17.39
HN2 NAG C . -33.84 -43.87 18.26
HO3 NAG C . -32.56 -41.45 20.71
HO6 NAG C . -36.84 -38.47 17.14
C1 BMA C . -33.72 -38.85 21.62
C2 BMA C . -34.42 -38.16 22.79
C3 BMA C . -33.52 -37.07 23.36
C4 BMA C . -32.10 -37.64 23.65
C5 BMA C . -31.54 -38.32 22.39
C6 BMA C . -30.20 -38.98 22.63
O2 BMA C . -34.69 -39.08 23.83
O3 BMA C . -34.06 -36.50 24.55
O4 BMA C . -31.25 -36.59 24.05
O5 BMA C . -32.45 -39.34 21.98
O6 BMA C . -29.77 -39.59 21.42
H2 BMA C . -35.37 -37.70 22.44
H3 BMA C . -33.41 -36.26 22.64
H4 BMA C . -32.20 -38.40 24.43
H5 BMA C . -31.43 -37.57 21.59
H61 BMA C . -30.30 -39.71 23.44
H62 BMA C . -29.48 -38.20 22.96
HO2 BMA C . -34.57 -38.59 24.66
HO3 BMA C . -33.32 -36.46 25.17
HO4 BMA C . -30.57 -37.00 24.60
HO6 BMA C . -30.49 -40.14 21.10
C1 NAG D . 10.46 -26.10 10.36
C2 NAG D . 11.31 -26.49 11.57
C3 NAG D . 12.65 -27.06 11.11
C4 NAG D . 12.42 -28.21 10.12
C5 NAG D . 11.53 -27.76 8.98
C6 NAG D . 11.16 -28.88 8.04
C7 NAG D . 11.35 -25.40 13.76
C8 NAG D . 11.60 -24.12 14.51
N2 NAG D . 11.51 -25.35 12.44
O3 NAG D . 13.38 -27.54 12.23
O4 NAG D . 13.67 -28.65 9.60
O5 NAG D . 10.29 -27.23 9.50
O6 NAG D . 9.99 -28.57 7.29
O7 NAG D . 11.00 -26.42 14.34
H1 NAG D . 10.90 -25.39 9.86
H2 NAG D . 10.84 -27.19 12.06
H3 NAG D . 13.16 -26.37 10.66
H4 NAG D . 11.99 -28.95 10.60
H5 NAG D . 11.98 -27.05 8.48
H61 NAG D . 11.00 -29.70 8.56
H62 NAG D . 11.90 -29.03 7.42
H81 NAG D . 11.05 -23.41 14.13
H82 NAG D . 11.39 -24.25 15.45
H83 NAG D . 12.55 -23.87 14.41
HN2 NAG D . 11.77 -24.57 12.07
HO3 NAG D . 14.19 -27.78 11.98
HO4 NAG D . 13.62 -29.53 9.44
C1 FUC D . 9.91 -29.82 6.66
C2 FUC D . 9.20 -31.16 6.93
C3 FUC D . 7.69 -31.00 6.79
C4 FUC D . 7.36 -30.42 5.40
C5 FUC D . 8.14 -29.12 5.18
C6 FUC D . 8.01 -28.58 3.75
O2 FUC D . 9.55 -31.69 8.21
O3 FUC D . 7.05 -32.26 6.89
O4 FUC D . 7.68 -31.37 4.40
O5 FUC D . 9.55 -29.29 5.41
H2 FUC D . 9.55 -31.88 6.19
H3 FUC D . 7.32 -30.32 7.56
H4 FUC D . 6.28 -30.18 5.37
H5 FUC D . 7.75 -28.38 5.89
H61 FUC D . 8.61 -27.68 3.62
H62 FUC D . 6.97 -28.35 3.53
H63 FUC D . 8.36 -29.34 3.03
HO2 FUC D . 8.95 -32.45 8.33
HO3 FUC D . 7.16 -32.69 6.02
HO4 FUC D . 8.59 -31.15 4.14
C1 NAG E . 39.17 36.88 -21.72
C2 NAG E . 39.94 36.15 -20.63
C3 NAG E . 39.08 36.03 -19.37
C4 NAG E . 38.59 37.41 -18.95
C5 NAG E . 37.89 38.11 -20.11
C6 NAG E . 37.52 39.54 -19.80
C7 NAG E . 41.62 34.44 -21.26
C8 NAG E . 42.67 35.46 -20.95
N2 NAG E . 40.34 34.82 -21.09
O3 NAG E . 39.84 35.44 -18.33
O4 NAG E . 37.67 37.28 -17.87
O5 NAG E . 38.78 38.16 -21.25
O6 NAG E . 38.66 40.36 -19.64
O7 NAG E . 41.90 33.31 -21.64
H2 NAG E . 40.73 36.66 -20.42
H3 NAG E . 38.31 35.46 -19.57
H4 NAG E . 39.35 37.94 -18.66
H5 NAG E . 37.09 37.61 -20.36
H61 NAG E . 36.99 39.56 -18.98
H62 NAG E . 36.97 39.89 -20.54
H81 NAG E . 43.56 35.07 -21.13
H82 NAG E . 42.62 35.71 -20.02
H83 NAG E . 42.54 36.24 -21.52
HN2 NAG E . 39.69 34.21 -21.27
HO3 NAG E . 39.80 34.56 -18.40
HO6 NAG E . 39.33 40.03 -20.12
C1 NAG E . 38.28 37.77 -16.71
C2 NAG E . 37.23 38.50 -15.86
C3 NAG E . 37.66 38.50 -14.39
C4 NAG E . 37.95 37.08 -13.93
C5 NAG E . 38.95 36.41 -14.87
C6 NAG E . 39.20 34.96 -14.54
C7 NAG E . 35.83 40.34 -16.68
C8 NAG E . 35.81 41.77 -17.15
N2 NAG E . 37.03 39.86 -16.33
O3 NAG E . 36.63 39.07 -13.60
O4 NAG E . 38.48 37.10 -12.61
O5 NAG E . 38.47 36.45 -16.21
O6 NAG E . 38.25 34.10 -15.15
O7 NAG E . 34.81 39.66 -16.63
H2 NAG E . 36.39 38.01 -15.93
H3 NAG E . 38.47 39.03 -14.30
H4 NAG E . 37.12 36.56 -13.93
H5 NAG E . 39.80 36.89 -14.82
H61 NAG E . 39.16 34.84 -13.56
H62 NAG E . 40.09 34.71 -14.84
H81 NAG E . 34.89 42.03 -17.35
H82 NAG E . 36.35 41.85 -17.96
H83 NAG E . 36.17 42.34 -16.45
HN2 NAG E . 37.75 40.41 -16.39
HO3 NAG E . 36.98 39.48 -12.91
HO6 NAG E . 38.30 33.29 -14.80
C1 BMA E . 38.04 36.92 -11.29
C2 BMA E . 38.77 35.85 -10.45
C3 BMA E . 37.81 35.27 -9.42
C4 BMA E . 37.10 36.39 -8.63
C5 BMA E . 36.44 37.39 -9.59
C6 BMA E . 35.80 38.58 -8.88
O2 BMA E . 39.85 36.43 -9.75
O3 BMA E . 38.48 34.38 -8.53
O4 BMA E . 36.12 35.82 -7.78
O5 BMA E . 37.45 37.91 -10.48
O6 BMA E . 35.24 39.44 -9.86
H2 BMA E . 39.12 35.06 -11.13
H3 BMA E . 37.04 34.68 -9.93
H4 BMA E . 37.87 36.95 -8.06
H5 BMA E . 35.66 36.87 -10.18
H61 BMA E . 36.58 39.09 -8.29
H62 BMA E . 35.04 38.19 -8.18
HO2 BMA E . 39.79 37.38 -9.89
HO3 BMA E . 39.42 34.60 -8.61
HO4 BMA E . 36.44 34.94 -7.57
HO6 BMA E . 35.82 39.43 -10.63
CA CA F . -0.16 -30.86 8.08
CA CA G . -8.36 -23.49 20.32
C1 NAG H . -6.03 29.75 1.12
C2 NAG H . -6.28 30.65 2.32
C3 NAG H . -7.75 31.03 2.40
C4 NAG H . -8.21 31.64 1.07
C5 NAG H . -7.87 30.71 -0.09
C6 NAG H . -8.19 31.32 -1.44
C7 NAG H . -4.70 30.31 4.16
C8 NAG H . -4.41 29.55 5.42
N2 NAG H . -5.85 30.01 3.55
O3 NAG H . -7.96 31.95 3.46
O4 NAG H . -9.61 31.89 1.11
O5 NAG H . -6.47 30.40 -0.08
O6 NAG H . -7.74 30.48 -2.50
O7 NAG H . -3.92 31.15 3.72
H1 NAG H . -6.51 28.92 1.22
H2 NAG H . -5.76 31.47 2.19
H3 NAG H . -8.28 30.23 2.57
H4 NAG H . -7.75 32.49 0.95
H5 NAG H . -8.38 29.88 0.02
H61 NAG H . -9.15 31.44 -1.51
H62 NAG H . -7.74 32.19 -1.50
H81 NAG H . -3.56 29.85 5.80
H82 NAG H . -5.12 29.72 6.07
H83 NAG H . -4.37 28.60 5.23
HN2 NAG H . -6.38 29.37 3.93
HO3 NAG H . -8.28 31.51 4.17
HO4 NAG H . -9.77 32.65 1.52
HO6 NAG H . -7.75 30.94 -3.26
#